data_4YWO
#
_entry.id   4YWO
#
_cell.length_a   55.679
_cell.length_b   95.895
_cell.length_c   104.484
_cell.angle_alpha   90.00
_cell.angle_beta   90.00
_cell.angle_gamma   90.00
#
_symmetry.space_group_name_H-M   'P 2 21 21'
#
loop_
_entity.id
_entity.type
_entity.pdbx_description
1 polymer 'Mercuric reductase'
2 non-polymer 'FLAVIN-ADENINE DINUCLEOTIDE'
3 non-polymer GLYCEROL
4 water water
#
_entity_poly.entity_id   1
_entity_poly.type   'polypeptide(L)'
_entity_poly.pdbx_seq_one_letter_code
;MGSSHHHHHHSQDPMHKLAIIGYGAAGFAAMIKANELGVKPVLIGKGEIGGTCVNVGCVPSKRMLYIAEIYKKAREVTGS
EVYPPFSSFQEKDGLVQEMRKTKYEDLLSYYDVELIQGEARFISPHAVKVNGQVIEAEKFVIATGSSPLIPRIPGLDKVG
FWTNREALSPDRRIDSLAVIGGRALALEFAQMYSRMKVEVAILQRSPVLIPDWEPEASVEARRIMENDGVAVVTGVNVKE
VRKGAGKIVITDKGEVEADEILLATGRKPNVDLGLENAGVRLNERGGIKVDDELRTDNPHIYAAGDVLGGKMLEALAGRQ
GSIATENALTGSHKRVDENAVPQVIFTQPNLARVGLTEAEARAKEGEVEARVLPMSSVAKAEIINSRLGFVKMVTMNGRI
VGVHAVGENVAEMIGEAALAIRFGATVHDLIDTVHMFPTIAESLRLVALAFRSDVSRLSCCV
;
_entity_poly.pdbx_strand_id   A
#
# COMPACT_ATOMS: atom_id res chain seq x y z
N SER A 11 20.62 -2.54 42.37
CA SER A 11 19.30 -1.98 41.97
C SER A 11 18.44 -3.10 41.41
N GLN A 12 17.14 -2.90 41.51
CA GLN A 12 16.16 -3.72 40.82
C GLN A 12 15.12 -2.81 40.20
N ASP A 13 14.80 -3.15 38.97
CA ASP A 13 13.80 -2.37 38.25
C ASP A 13 12.86 -3.33 37.48
N PRO A 14 11.82 -3.89 38.14
CA PRO A 14 10.87 -4.82 37.44
C PRO A 14 10.21 -4.05 36.29
N MET A 15 10.14 -4.72 35.13
CA MET A 15 9.64 -4.17 33.89
C MET A 15 8.69 -5.21 33.26
N HIS A 16 7.74 -4.78 32.47
CA HIS A 16 7.06 -5.70 31.56
C HIS A 16 8.06 -6.42 30.60
N LYS A 17 7.73 -7.61 30.11
CA LYS A 17 8.57 -8.24 29.15
C LYS A 17 8.55 -7.58 27.76
N LEU A 18 7.39 -7.06 27.39
CA LEU A 18 7.20 -6.46 26.08
C LEU A 18 6.11 -5.43 26.06
N ALA A 19 6.45 -4.29 25.44
CA ALA A 19 5.46 -3.27 25.13
C ALA A 19 5.45 -3.03 23.63
N ILE A 20 4.22 -2.93 23.09
CA ILE A 20 4.00 -2.67 21.68
C ILE A 20 3.35 -1.37 21.49
N ILE A 21 3.94 -0.51 20.69
CA ILE A 21 3.43 0.84 20.47
C ILE A 21 2.74 0.93 19.15
N GLY A 22 1.41 1.02 19.20
CA GLY A 22 0.54 1.11 18.02
C GLY A 22 -0.28 -0.21 17.85
N TYR A 23 -1.57 -0.04 17.50
CA TYR A 23 -2.46 -1.20 17.40
C TYR A 23 -3.18 -1.36 16.03
N GLY A 24 -2.39 -1.06 15.01
CA GLY A 24 -2.70 -1.40 13.62
C GLY A 24 -2.24 -2.81 13.27
N ALA A 25 -2.03 -3.05 12.01
CA ALA A 25 -1.67 -4.35 11.48
C ALA A 25 -0.38 -4.90 12.09
N ALA A 26 0.67 -4.07 12.15
CA ALA A 26 1.93 -4.50 12.75
C ALA A 26 1.77 -4.82 14.25
N GLY A 27 1.10 -3.91 15.00
CA GLY A 27 0.97 -4.09 16.40
C GLY A 27 0.12 -5.28 16.79
N PHE A 28 -0.93 -5.48 16.01
CA PHE A 28 -1.71 -6.70 16.22
C PHE A 28 -0.97 -7.99 15.97
N ALA A 29 -0.20 -8.04 14.92
CA ALA A 29 0.61 -9.18 14.60
C ALA A 29 1.62 -9.43 15.73
N ALA A 30 2.20 -8.33 16.29
CA ALA A 30 3.10 -8.48 17.40
C ALA A 30 2.38 -9.02 18.61
N MET A 31 1.18 -8.59 18.90
CA MET A 31 0.44 -9.00 20.05
C MET A 31 0.19 -10.51 19.96
N ILE A 32 -0.15 -10.91 18.78
CA ILE A 32 -0.51 -12.35 18.57
C ILE A 32 0.71 -13.22 18.73
N LYS A 33 1.80 -12.84 18.09
CA LYS A 33 3.05 -13.51 18.23
C LYS A 33 3.50 -13.58 19.66
N ALA A 34 3.35 -12.50 20.38
CA ALA A 34 3.77 -12.51 21.78
C ALA A 34 3.00 -13.61 22.60
N ASN A 35 1.70 -13.67 22.43
CA ASN A 35 0.84 -14.68 23.06
C ASN A 35 1.30 -16.09 22.71
N GLU A 36 1.60 -16.32 21.45
CA GLU A 36 2.13 -17.59 20.94
C GLU A 36 3.49 -17.97 21.57
N LEU A 37 4.31 -16.99 21.95
CA LEU A 37 5.55 -17.27 22.65
C LEU A 37 5.38 -17.18 24.13
N GLY A 38 4.15 -17.09 24.62
CA GLY A 38 3.91 -17.19 26.06
C GLY A 38 4.05 -15.90 26.86
N VAL A 39 3.97 -14.76 26.19
CA VAL A 39 4.09 -13.46 26.82
C VAL A 39 2.79 -12.64 26.68
N LYS A 40 2.37 -12.02 27.75
CA LYS A 40 1.29 -11.09 27.78
C LYS A 40 1.87 -9.68 27.59
N PRO A 41 1.69 -9.11 26.39
CA PRO A 41 2.28 -7.80 26.19
C PRO A 41 1.45 -6.69 26.65
N VAL A 42 2.04 -5.50 26.79
CA VAL A 42 1.29 -4.31 26.97
C VAL A 42 1.16 -3.75 25.53
N LEU A 43 -0.04 -3.37 25.16
CA LEU A 43 -0.33 -2.84 23.80
C LEU A 43 -0.89 -1.46 23.96
N ILE A 44 -0.17 -0.46 23.42
CA ILE A 44 -0.55 0.89 23.61
C ILE A 44 -0.90 1.51 22.29
N GLY A 45 -2.06 2.11 22.11
CA GLY A 45 -2.39 2.74 20.92
C GLY A 45 -3.33 3.92 21.08
N LYS A 46 -3.41 4.74 20.07
CA LYS A 46 -4.49 5.70 20.11
C LYS A 46 -5.26 5.65 18.86
N GLY A 47 -6.42 6.23 18.84
CA GLY A 47 -7.16 6.17 17.60
C GLY A 47 -7.97 4.87 17.51
N GLU A 48 -8.66 4.73 16.37
CA GLU A 48 -9.50 3.55 16.15
C GLU A 48 -8.69 2.24 16.22
N ILE A 49 -9.21 1.25 16.89
CA ILE A 49 -8.60 -0.06 16.94
C ILE A 49 -8.48 -0.62 15.50
N GLY A 50 -7.32 -1.20 15.22
CA GLY A 50 -7.04 -1.75 13.89
C GLY A 50 -6.30 -0.82 12.98
N GLY A 51 -6.12 0.42 13.37
CA GLY A 51 -5.30 1.29 12.58
C GLY A 51 -5.78 1.62 11.19
N THR A 52 -4.88 1.82 10.25
CA THR A 52 -5.22 2.39 8.99
C THR A 52 -5.98 1.45 8.06
N CYS A 53 -5.49 0.22 7.94
CA CYS A 53 -5.98 -0.71 6.93
C CYS A 53 -7.49 -0.88 6.96
N VAL A 54 -8.01 -1.27 8.11
CA VAL A 54 -9.43 -1.58 8.23
C VAL A 54 -10.29 -0.34 8.21
N ASN A 55 -9.78 0.75 8.76
CA ASN A 55 -10.62 1.94 9.00
C ASN A 55 -10.62 2.96 7.93
N VAL A 56 -9.47 3.26 7.34
CA VAL A 56 -9.35 4.33 6.35
C VAL A 56 -8.40 3.97 5.23
N GLY A 57 -8.19 2.70 5.01
CA GLY A 57 -7.18 2.27 4.08
C GLY A 57 -7.72 1.17 3.17
N CYS A 58 -7.07 0.01 3.15
CA CYS A 58 -7.32 -1.03 2.17
C CYS A 58 -8.75 -1.50 2.13
N VAL A 59 -9.37 -1.65 3.30
CA VAL A 59 -10.73 -2.20 3.30
C VAL A 59 -11.79 -1.25 2.70
N PRO A 60 -11.90 0.01 3.20
CA PRO A 60 -12.91 0.87 2.61
C PRO A 60 -12.58 1.27 1.14
N SER A 61 -11.27 1.34 0.79
CA SER A 61 -10.87 1.77 -0.55
C SER A 61 -11.23 0.65 -1.59
N LYS A 62 -10.95 -0.57 -1.22
CA LYS A 62 -11.30 -1.69 -2.15
C LYS A 62 -12.78 -1.83 -2.22
N ARG A 63 -13.51 -1.62 -1.14
CA ARG A 63 -14.95 -1.70 -1.25
C ARG A 63 -15.47 -0.67 -2.23
N MET A 64 -15.01 0.57 -2.12
CA MET A 64 -15.55 1.58 -3.02
C MET A 64 -15.12 1.34 -4.49
N LEU A 65 -13.94 0.75 -4.71
CA LEU A 65 -13.55 0.43 -6.08
C LEU A 65 -14.37 -0.71 -6.62
N TYR A 66 -14.80 -1.65 -5.78
CA TYR A 66 -15.70 -2.78 -6.18
C TYR A 66 -17.04 -2.22 -6.64
N ILE A 67 -17.57 -1.35 -5.79
CA ILE A 67 -18.89 -0.68 -6.13
C ILE A 67 -18.75 0.08 -7.41
N ALA A 68 -17.67 0.84 -7.60
CA ALA A 68 -17.43 1.56 -8.81
C ALA A 68 -17.43 0.59 -10.06
N GLU A 69 -16.70 -0.48 -9.93
CA GLU A 69 -16.56 -1.46 -10.97
C GLU A 69 -17.91 -2.09 -11.38
N ILE A 70 -18.71 -2.52 -10.46
CA ILE A 70 -19.94 -3.25 -10.84
C ILE A 70 -20.93 -2.29 -11.52
N TYR A 71 -20.92 -1.04 -11.07
CA TYR A 71 -21.80 -0.05 -11.76
C TYR A 71 -21.28 0.26 -13.12
N LYS A 72 -19.96 0.40 -13.32
CA LYS A 72 -19.38 0.64 -14.62
C LYS A 72 -19.81 -0.50 -15.56
N LYS A 73 -19.68 -1.72 -15.11
CA LYS A 73 -20.07 -2.86 -15.99
C LYS A 73 -21.52 -2.80 -16.33
N ALA A 74 -22.33 -2.54 -15.32
CA ALA A 74 -23.78 -2.37 -15.57
C ALA A 74 -24.09 -1.30 -16.63
N ARG A 75 -23.36 -0.18 -16.63
CA ARG A 75 -23.55 0.89 -17.67
C ARG A 75 -23.09 0.40 -18.99
N GLU A 76 -21.99 -0.35 -19.05
CA GLU A 76 -21.55 -0.93 -20.37
C GLU A 76 -22.51 -1.88 -20.95
N VAL A 77 -23.13 -2.73 -20.17
CA VAL A 77 -24.02 -3.78 -20.65
C VAL A 77 -25.36 -3.16 -21.05
N THR A 78 -25.85 -2.25 -20.25
CA THR A 78 -27.26 -1.75 -20.43
C THR A 78 -27.28 -0.49 -21.26
N GLY A 79 -26.22 0.26 -21.33
CA GLY A 79 -26.22 1.58 -21.94
C GLY A 79 -26.86 2.66 -21.07
N SER A 80 -27.30 2.28 -19.86
CA SER A 80 -27.93 3.23 -18.93
CA SER A 80 -27.95 3.18 -18.91
C SER A 80 -26.88 4.03 -18.22
N GLU A 81 -27.28 5.18 -17.70
CA GLU A 81 -26.34 6.08 -17.02
C GLU A 81 -26.51 5.86 -15.50
N VAL A 82 -26.37 4.64 -15.02
CA VAL A 82 -26.51 4.33 -13.64
C VAL A 82 -25.10 4.40 -12.95
N TYR A 83 -24.98 5.32 -12.01
CA TYR A 83 -23.76 5.49 -11.16
C TYR A 83 -24.07 5.08 -9.72
N PRO A 84 -23.02 4.75 -8.96
CA PRO A 84 -23.25 4.34 -7.63
C PRO A 84 -23.90 5.50 -6.77
N PRO A 85 -24.82 5.15 -5.90
CA PRO A 85 -25.48 6.24 -5.15
C PRO A 85 -24.43 6.84 -4.12
N PHE A 86 -24.58 8.12 -3.80
CA PHE A 86 -23.72 8.76 -2.83
C PHE A 86 -23.77 8.02 -1.52
N SER A 87 -24.89 7.40 -1.16
CA SER A 87 -25.08 6.60 0.03
C SER A 87 -24.16 5.38 0.14
N SER A 88 -23.59 4.95 -1.01
CA SER A 88 -22.70 3.78 -0.94
CA SER A 88 -22.59 3.87 -1.05
C SER A 88 -21.47 4.06 -0.07
N PHE A 89 -21.08 5.30 0.09
CA PHE A 89 -19.93 5.62 1.04
C PHE A 89 -20.32 5.36 2.48
N GLN A 90 -21.55 5.75 2.82
CA GLN A 90 -22.07 5.42 4.14
C GLN A 90 -22.39 3.93 4.35
N GLU A 91 -22.89 3.18 3.36
CA GLU A 91 -23.10 1.75 3.47
C GLU A 91 -21.85 0.96 3.83
N LYS A 92 -20.71 1.36 3.24
CA LYS A 92 -19.38 0.73 3.44
C LYS A 92 -18.98 0.86 4.89
N ASP A 93 -19.53 1.85 5.61
CA ASP A 93 -19.18 1.99 7.05
C ASP A 93 -19.67 0.78 7.89
N GLY A 94 -20.75 0.16 7.47
CA GLY A 94 -21.15 -1.11 8.09
C GLY A 94 -20.19 -2.28 7.98
N LEU A 95 -19.60 -2.43 6.79
CA LEU A 95 -18.60 -3.47 6.53
C LEU A 95 -17.35 -3.18 7.36
N VAL A 96 -16.93 -1.92 7.42
CA VAL A 96 -15.75 -1.52 8.16
C VAL A 96 -15.97 -1.91 9.62
N GLN A 97 -17.12 -1.50 10.15
CA GLN A 97 -17.46 -1.86 11.58
C GLN A 97 -17.50 -3.31 11.92
N GLU A 98 -18.08 -4.11 11.02
CA GLU A 98 -18.09 -5.52 11.15
C GLU A 98 -16.69 -6.11 11.07
N MET A 99 -15.89 -5.66 10.12
CA MET A 99 -14.57 -6.23 10.02
C MET A 99 -13.64 -5.82 11.18
N ARG A 100 -13.83 -4.60 11.67
CA ARG A 100 -13.04 -4.05 12.80
C ARG A 100 -13.37 -4.92 14.03
N LYS A 101 -14.63 -5.26 14.18
CA LYS A 101 -15.04 -6.14 15.29
C LYS A 101 -14.46 -7.54 15.18
N THR A 102 -14.67 -8.22 14.07
CA THR A 102 -14.33 -9.63 13.97
C THR A 102 -12.83 -9.89 13.90
N LYS A 103 -12.11 -8.98 13.26
CA LYS A 103 -10.69 -9.12 12.96
C LYS A 103 -9.75 -8.44 13.97
N TYR A 104 -10.27 -7.54 14.78
CA TYR A 104 -9.45 -6.78 15.74
C TYR A 104 -10.06 -6.71 17.13
N GLU A 105 -11.24 -6.10 17.31
CA GLU A 105 -11.78 -5.95 18.64
C GLU A 105 -12.01 -7.30 19.30
N ASP A 106 -12.50 -8.28 18.56
CA ASP A 106 -12.77 -9.55 19.19
C ASP A 106 -11.47 -10.24 19.62
N LEU A 107 -10.38 -9.94 18.93
CA LEU A 107 -9.08 -10.55 19.30
C LEU A 107 -8.52 -10.06 20.64
N LEU A 108 -8.93 -8.87 21.05
CA LEU A 108 -8.52 -8.30 22.30
C LEU A 108 -9.17 -9.05 23.43
N SER A 109 -10.32 -9.70 23.18
CA SER A 109 -10.92 -10.64 24.19
C SER A 109 -10.30 -12.02 24.15
N TYR A 110 -10.00 -12.51 22.97
CA TYR A 110 -9.44 -13.82 22.80
C TYR A 110 -7.98 -13.95 23.26
N TYR A 111 -7.15 -12.97 22.96
CA TYR A 111 -5.75 -13.07 23.30
C TYR A 111 -5.55 -12.36 24.63
N ASP A 112 -4.38 -12.57 25.24
CA ASP A 112 -4.10 -12.03 26.56
C ASP A 112 -3.20 -10.71 26.35
N VAL A 113 -3.60 -9.61 26.90
CA VAL A 113 -2.99 -8.29 26.57
C VAL A 113 -3.42 -7.25 27.57
N GLU A 114 -2.52 -6.36 27.97
CA GLU A 114 -2.92 -5.24 28.71
C GLU A 114 -3.00 -4.09 27.74
N LEU A 115 -4.21 -3.68 27.43
CA LEU A 115 -4.43 -2.62 26.49
C LEU A 115 -4.44 -1.25 27.19
N ILE A 116 -3.71 -0.29 26.65
CA ILE A 116 -3.77 1.11 27.08
C ILE A 116 -4.04 2.01 25.95
N GLN A 117 -5.07 2.88 26.01
CA GLN A 117 -5.33 3.79 24.99
CA GLN A 117 -5.38 3.82 24.96
C GLN A 117 -4.78 5.16 25.30
N GLY A 118 -3.88 5.59 24.47
CA GLY A 118 -3.24 6.88 24.65
C GLY A 118 -2.01 7.02 23.80
N GLU A 119 -1.45 8.24 23.78
CA GLU A 119 -0.24 8.57 23.00
C GLU A 119 0.97 8.22 23.87
N ALA A 120 1.80 7.30 23.41
CA ALA A 120 3.08 6.94 24.03
C ALA A 120 4.20 7.79 23.49
N ARG A 121 5.16 8.19 24.37
CA ARG A 121 6.42 8.82 23.98
C ARG A 121 7.55 8.27 24.83
N PHE A 122 8.70 8.03 24.23
CA PHE A 122 9.83 7.49 24.95
C PHE A 122 10.40 8.58 25.90
N ILE A 123 10.71 8.10 27.08
CA ILE A 123 11.44 8.97 28.07
C ILE A 123 12.77 8.38 28.52
N SER A 124 13.12 7.14 28.14
CA SER A 124 14.37 6.55 28.45
C SER A 124 14.51 5.38 27.48
N PRO A 125 15.66 4.74 27.50
CA PRO A 125 15.85 3.56 26.65
C PRO A 125 14.98 2.41 27.02
N HIS A 126 14.32 2.38 28.18
CA HIS A 126 13.42 1.30 28.58
C HIS A 126 12.04 1.71 29.03
N ALA A 127 11.59 2.95 28.71
CA ALA A 127 10.31 3.42 29.19
C ALA A 127 9.67 4.47 28.29
N VAL A 128 8.36 4.42 28.33
CA VAL A 128 7.53 5.41 27.68
C VAL A 128 6.68 6.04 28.78
N LYS A 129 6.14 7.20 28.44
CA LYS A 129 5.03 7.77 29.13
C LYS A 129 3.77 7.69 28.31
N VAL A 130 2.70 7.35 29.00
CA VAL A 130 1.38 7.49 28.41
C VAL A 130 0.37 7.91 29.50
N ASN A 131 -0.44 8.88 29.13
CA ASN A 131 -1.48 9.44 30.04
C ASN A 131 -0.84 9.79 31.43
N GLY A 132 0.40 10.22 31.36
CA GLY A 132 1.15 10.61 32.56
C GLY A 132 1.75 9.54 33.39
N GLN A 133 1.69 8.27 32.97
CA GLN A 133 2.22 7.19 33.64
C GLN A 133 3.44 6.61 32.97
N VAL A 134 4.36 6.11 33.78
CA VAL A 134 5.56 5.42 33.30
C VAL A 134 5.24 3.95 33.01
N ILE A 135 5.58 3.52 31.81
CA ILE A 135 5.49 2.11 31.42
C ILE A 135 6.88 1.71 30.98
N GLU A 136 7.47 0.79 31.71
CA GLU A 136 8.77 0.24 31.47
C GLU A 136 8.67 -1.18 30.86
N ALA A 137 9.54 -1.46 29.93
CA ALA A 137 9.57 -2.79 29.34
C ALA A 137 10.97 -3.17 28.96
N GLU A 138 11.26 -4.48 29.01
CA GLU A 138 12.53 -5.04 28.61
C GLU A 138 12.76 -4.92 27.12
N LYS A 139 11.61 -5.07 26.40
CA LYS A 139 11.69 -4.98 24.97
C LYS A 139 10.50 -4.14 24.47
N PHE A 140 10.71 -3.42 23.38
CA PHE A 140 9.66 -2.64 22.69
C PHE A 140 9.59 -3.03 21.22
N VAL A 141 8.36 -3.00 20.69
CA VAL A 141 8.17 -2.99 19.25
C VAL A 141 7.40 -1.76 18.87
N ILE A 142 8.03 -0.89 18.09
CA ILE A 142 7.39 0.34 17.64
C ILE A 142 6.64 0.05 16.33
N ALA A 143 5.35 0.35 16.32
CA ALA A 143 4.50 0.05 15.13
C ALA A 143 3.44 1.14 14.97
N THR A 144 3.90 2.40 14.83
CA THR A 144 3.04 3.56 14.94
C THR A 144 2.57 4.07 13.62
N GLY A 145 2.88 3.36 12.52
CA GLY A 145 2.31 3.74 11.26
C GLY A 145 2.80 4.98 10.63
N SER A 146 1.95 5.54 9.73
CA SER A 146 2.27 6.71 8.94
C SER A 146 1.01 7.64 8.89
N SER A 147 1.19 8.83 8.42
CA SER A 147 0.15 9.81 8.19
C SER A 147 0.28 10.41 6.83
N PRO A 148 -0.79 11.05 6.34
CA PRO A 148 -0.64 11.70 5.08
C PRO A 148 0.46 12.79 5.07
N LEU A 149 1.22 12.84 3.98
CA LEU A 149 2.23 13.81 3.75
C LEU A 149 1.53 15.02 3.14
N ILE A 150 1.68 16.18 3.82
CA ILE A 150 1.03 17.45 3.41
C ILE A 150 2.15 18.36 2.82
N PRO A 151 2.14 18.58 1.50
CA PRO A 151 3.22 19.35 0.88
C PRO A 151 3.09 20.83 1.32
N ARG A 152 4.22 21.54 1.29
CA ARG A 152 4.23 22.96 1.67
C ARG A 152 3.93 23.71 0.41
N ILE A 153 2.67 24.07 0.22
CA ILE A 153 2.19 24.77 -0.98
C ILE A 153 1.44 25.99 -0.45
N PRO A 154 1.84 27.19 -0.87
CA PRO A 154 1.11 28.37 -0.45
C PRO A 154 -0.37 28.30 -0.74
N GLY A 155 -1.17 28.59 0.28
CA GLY A 155 -2.59 28.75 0.16
C GLY A 155 -3.38 27.45 0.47
N LEU A 156 -2.68 26.33 0.42
CA LEU A 156 -3.30 25.00 0.59
C LEU A 156 -3.94 24.78 1.91
N ASP A 157 -3.29 25.17 3.00
CA ASP A 157 -3.92 24.98 4.27
C ASP A 157 -5.11 25.87 4.45
N LYS A 158 -5.07 27.09 3.94
CA LYS A 158 -6.18 28.02 4.11
C LYS A 158 -7.38 27.63 3.26
N VAL A 159 -7.13 27.19 2.04
CA VAL A 159 -8.20 26.72 1.14
C VAL A 159 -8.80 25.34 1.53
N GLY A 160 -7.96 24.49 2.12
CA GLY A 160 -8.43 23.18 2.70
C GLY A 160 -8.38 22.12 1.59
N PHE A 161 -8.44 20.87 2.02
CA PHE A 161 -8.21 19.73 1.05
C PHE A 161 -8.72 18.47 1.77
N TRP A 162 -8.81 17.40 0.99
CA TRP A 162 -9.12 16.09 1.46
C TRP A 162 -7.82 15.26 1.45
N THR A 163 -7.79 14.33 2.38
CA THR A 163 -6.85 13.23 2.35
C THR A 163 -7.69 11.96 2.09
N ASN A 164 -7.04 10.79 2.14
CA ASN A 164 -7.83 9.55 2.05
C ASN A 164 -9.01 9.43 2.98
N ARG A 165 -8.87 9.91 4.22
CA ARG A 165 -9.89 9.82 5.19
C ARG A 165 -11.17 10.48 4.68
N GLU A 166 -11.04 11.69 4.20
CA GLU A 166 -12.22 12.39 3.73
C GLU A 166 -12.73 11.89 2.44
N ALA A 167 -11.82 11.45 1.54
CA ALA A 167 -12.26 10.93 0.21
C ALA A 167 -13.05 9.62 0.38
N LEU A 168 -12.79 8.87 1.46
CA LEU A 168 -13.57 7.66 1.77
C LEU A 168 -14.90 7.88 2.51
N SER A 169 -15.03 9.02 3.18
CA SER A 169 -16.26 9.40 3.84
C SER A 169 -16.55 10.86 3.49
N PRO A 170 -16.83 11.15 2.24
CA PRO A 170 -17.04 12.53 1.77
C PRO A 170 -18.21 13.23 2.42
N ASP A 171 -17.99 14.51 2.74
CA ASP A 171 -19.01 15.29 3.40
C ASP A 171 -20.13 15.74 2.47
N ARG A 172 -19.89 15.70 1.18
CA ARG A 172 -20.81 16.18 0.20
C ARG A 172 -20.55 15.60 -1.14
N ARG A 173 -21.48 15.80 -2.02
CA ARG A 173 -21.36 15.36 -3.37
C ARG A 173 -20.60 16.40 -4.12
N ILE A 174 -19.56 16.03 -4.85
CA ILE A 174 -18.80 16.96 -5.67
C ILE A 174 -18.89 16.64 -7.12
N ASP A 175 -18.66 17.63 -7.96
CA ASP A 175 -18.60 17.44 -9.42
C ASP A 175 -17.24 17.33 -10.06
N SER A 176 -16.19 17.81 -9.40
CA SER A 176 -14.85 17.90 -9.94
C SER A 176 -13.89 17.72 -8.80
N LEU A 177 -12.73 17.12 -9.09
CA LEU A 177 -11.69 16.76 -8.16
C LEU A 177 -10.32 16.95 -8.78
N ALA A 178 -9.45 17.70 -8.11
CA ALA A 178 -8.05 17.77 -8.47
C ALA A 178 -7.24 16.92 -7.52
N VAL A 179 -6.55 15.91 -8.09
CA VAL A 179 -5.71 14.96 -7.30
C VAL A 179 -4.26 15.34 -7.42
N ILE A 180 -3.62 15.67 -6.32
CA ILE A 180 -2.23 16.04 -6.31
C ILE A 180 -1.41 14.82 -5.98
N GLY A 181 -0.68 14.31 -7.00
CA GLY A 181 0.09 13.10 -6.85
C GLY A 181 -0.17 12.11 -7.96
N GLY A 182 0.68 11.12 -8.10
CA GLY A 182 0.59 10.22 -9.25
C GLY A 182 1.14 8.80 -8.99
N ARG A 183 1.02 8.31 -7.76
CA ARG A 183 1.36 6.92 -7.48
CA ARG A 183 1.35 6.93 -7.50
C ARG A 183 0.07 6.13 -7.21
N ALA A 184 0.16 5.04 -6.48
CA ALA A 184 -0.96 4.07 -6.36
C ALA A 184 -2.24 4.72 -5.89
N LEU A 185 -2.17 5.49 -4.80
CA LEU A 185 -3.41 6.01 -4.19
C LEU A 185 -4.02 7.01 -5.09
N ALA A 186 -3.23 7.86 -5.78
CA ALA A 186 -3.85 8.72 -6.79
C ALA A 186 -4.61 8.00 -7.87
N LEU A 187 -4.02 6.96 -8.40
CA LEU A 187 -4.66 6.14 -9.42
C LEU A 187 -5.97 5.52 -8.91
N GLU A 188 -5.91 4.91 -7.78
CA GLU A 188 -7.11 4.31 -7.23
C GLU A 188 -8.26 5.30 -6.98
N PHE A 189 -7.93 6.42 -6.31
CA PHE A 189 -9.01 7.41 -6.07
C PHE A 189 -9.46 8.06 -7.32
N ALA A 190 -8.55 8.36 -8.28
CA ALA A 190 -8.99 8.93 -9.53
C ALA A 190 -9.94 8.02 -10.28
N GLN A 191 -9.67 6.73 -10.37
CA GLN A 191 -10.57 5.85 -11.01
C GLN A 191 -11.90 5.73 -10.22
N MET A 192 -11.85 5.65 -8.90
CA MET A 192 -12.97 5.56 -8.07
C MET A 192 -13.91 6.75 -8.31
N TYR A 193 -13.36 7.99 -8.27
CA TYR A 193 -14.26 9.16 -8.39
C TYR A 193 -14.67 9.37 -9.79
N SER A 194 -13.82 9.10 -10.78
CA SER A 194 -14.29 9.21 -12.18
C SER A 194 -15.46 8.28 -12.49
N ARG A 195 -15.47 7.12 -11.85
CA ARG A 195 -16.54 6.10 -12.03
C ARG A 195 -17.77 6.46 -11.20
N MET A 196 -17.63 7.57 -10.44
CA MET A 196 -18.83 8.18 -9.76
C MET A 196 -19.31 9.46 -10.40
N LYS A 197 -19.01 9.67 -11.67
CA LYS A 197 -19.39 10.80 -12.45
C LYS A 197 -18.79 12.13 -11.93
N VAL A 198 -17.57 12.11 -11.47
CA VAL A 198 -16.80 13.27 -10.99
C VAL A 198 -15.76 13.49 -12.07
N GLU A 199 -15.56 14.73 -12.47
CA GLU A 199 -14.50 15.13 -13.42
C GLU A 199 -13.18 15.24 -12.66
N VAL A 200 -12.25 14.33 -12.94
CA VAL A 200 -11.02 14.26 -12.16
C VAL A 200 -9.83 14.66 -13.01
N ALA A 201 -8.96 15.42 -12.40
CA ALA A 201 -7.62 15.66 -12.92
C ALA A 201 -6.54 15.22 -11.98
N ILE A 202 -5.53 14.52 -12.51
CA ILE A 202 -4.35 14.15 -11.74
C ILE A 202 -3.23 15.10 -12.10
N LEU A 203 -2.60 15.69 -11.11
CA LEU A 203 -1.46 16.60 -11.28
C LEU A 203 -0.22 15.97 -10.68
N GLN A 204 0.67 15.56 -11.56
CA GLN A 204 1.82 14.74 -11.21
C GLN A 204 3.10 15.53 -11.56
N ARG A 205 4.02 15.61 -10.62
CA ARG A 205 5.28 16.36 -10.87
C ARG A 205 6.21 15.62 -11.79
N SER A 206 6.50 14.35 -11.50
N SER A 206 6.24 14.29 -11.67
CA SER A 206 7.37 13.56 -12.37
CA SER A 206 7.07 13.48 -12.55
C SER A 206 6.73 13.51 -13.77
C SER A 206 6.59 13.52 -13.96
N PRO A 207 7.48 13.22 -14.87
CA PRO A 207 7.02 13.12 -16.22
C PRO A 207 6.09 11.96 -16.55
N VAL A 208 6.02 10.98 -15.60
CA VAL A 208 5.12 9.85 -15.81
C VAL A 208 4.48 9.52 -14.45
N LEU A 209 3.35 8.83 -14.58
CA LEU A 209 2.71 8.23 -13.40
C LEU A 209 3.56 7.07 -12.89
N ILE A 210 3.41 6.73 -11.62
CA ILE A 210 4.11 5.63 -10.99
C ILE A 210 5.51 5.43 -11.51
N PRO A 211 6.37 6.45 -11.28
CA PRO A 211 7.70 6.39 -11.93
C PRO A 211 8.66 5.44 -11.34
N ASP A 212 8.35 4.82 -10.21
CA ASP A 212 9.21 3.74 -9.73
C ASP A 212 8.76 2.32 -10.14
N TRP A 213 7.75 2.24 -10.94
CA TRP A 213 7.34 0.97 -11.58
C TRP A 213 8.06 0.79 -12.91
N GLU A 214 7.90 -0.41 -13.50
CA GLU A 214 8.46 -0.67 -14.88
C GLU A 214 7.87 0.40 -15.82
N PRO A 215 8.74 0.85 -16.81
CA PRO A 215 8.20 1.77 -17.82
C PRO A 215 6.89 1.40 -18.49
N GLU A 216 6.75 0.11 -18.84
CA GLU A 216 5.53 -0.39 -19.39
C GLU A 216 4.34 -0.10 -18.43
N ALA A 217 4.53 -0.24 -17.17
CA ALA A 217 3.44 0.04 -16.22
C ALA A 217 3.02 1.50 -16.22
N SER A 218 4.02 2.42 -16.26
CA SER A 218 3.69 3.86 -16.34
C SER A 218 2.86 4.17 -17.58
N VAL A 219 3.22 3.58 -18.75
CA VAL A 219 2.38 3.71 -19.96
C VAL A 219 0.94 3.30 -19.79
N GLU A 220 0.78 2.07 -19.23
CA GLU A 220 -0.52 1.53 -19.01
C GLU A 220 -1.31 2.36 -18.03
N ALA A 221 -0.65 2.90 -16.97
CA ALA A 221 -1.32 3.72 -15.92
C ALA A 221 -2.01 4.91 -16.59
N ARG A 222 -1.29 5.59 -17.52
CA ARG A 222 -1.92 6.67 -18.22
C ARG A 222 -3.12 6.30 -19.03
N ARG A 223 -3.05 5.16 -19.76
CA ARG A 223 -4.13 4.67 -20.57
C ARG A 223 -5.34 4.30 -19.75
N ILE A 224 -5.08 3.69 -18.58
CA ILE A 224 -6.16 3.31 -17.65
C ILE A 224 -6.87 4.52 -17.19
N MET A 225 -6.14 5.52 -16.76
CA MET A 225 -6.80 6.76 -16.34
C MET A 225 -7.61 7.47 -17.43
N GLU A 226 -6.98 7.56 -18.59
CA GLU A 226 -7.62 8.23 -19.73
C GLU A 226 -8.80 7.50 -20.21
N ASN A 227 -8.80 6.17 -20.10
CA ASN A 227 -9.96 5.37 -20.52
CA ASN A 227 -9.98 5.38 -20.49
C ASN A 227 -11.20 5.68 -19.65
N ASP A 228 -11.03 6.19 -18.43
CA ASP A 228 -12.19 6.59 -17.61
C ASP A 228 -12.37 8.09 -17.57
N GLY A 229 -11.73 8.80 -18.45
CA GLY A 229 -11.98 10.20 -18.57
C GLY A 229 -11.22 11.05 -17.60
N VAL A 230 -10.21 10.52 -16.96
CA VAL A 230 -9.38 11.32 -16.11
C VAL A 230 -8.39 12.12 -16.98
N ALA A 231 -8.18 13.36 -16.62
CA ALA A 231 -7.20 14.27 -17.26
C ALA A 231 -5.89 14.02 -16.49
N VAL A 232 -4.89 13.53 -17.19
CA VAL A 232 -3.62 13.25 -16.59
C VAL A 232 -2.68 14.33 -16.99
N VAL A 233 -2.22 15.10 -16.04
CA VAL A 233 -1.21 16.16 -16.29
C VAL A 233 0.10 15.83 -15.63
N THR A 234 1.15 15.51 -16.42
CA THR A 234 2.41 15.18 -15.85
C THR A 234 3.46 16.36 -16.03
N GLY A 235 4.59 16.23 -15.38
CA GLY A 235 5.62 17.31 -15.41
C GLY A 235 5.12 18.63 -14.87
N VAL A 236 4.20 18.61 -13.95
CA VAL A 236 3.63 19.86 -13.40
C VAL A 236 4.05 20.16 -11.96
N ASN A 237 4.35 21.47 -11.74
CA ASN A 237 4.67 22.00 -10.40
C ASN A 237 3.58 22.87 -9.95
N VAL A 238 3.07 22.55 -8.78
CA VAL A 238 1.97 23.28 -8.21
C VAL A 238 2.61 24.43 -7.45
N LYS A 239 2.26 25.67 -7.78
CA LYS A 239 2.84 26.89 -7.15
C LYS A 239 2.04 27.44 -5.96
N GLU A 240 0.73 27.35 -6.06
CA GLU A 240 -0.16 28.00 -5.14
C GLU A 240 -1.58 27.45 -5.30
N VAL A 241 -2.35 27.53 -4.24
CA VAL A 241 -3.77 27.32 -4.27
C VAL A 241 -4.55 28.54 -3.75
N ARG A 242 -5.63 28.82 -4.42
CA ARG A 242 -6.54 29.90 -3.99
C ARG A 242 -7.97 29.51 -4.15
N LYS A 243 -8.87 30.26 -3.53
CA LYS A 243 -10.27 29.99 -3.61
C LYS A 243 -10.95 30.98 -4.55
N GLY A 244 -11.65 30.44 -5.57
CA GLY A 244 -12.55 31.20 -6.49
C GLY A 244 -13.94 30.70 -6.28
N ALA A 245 -14.67 30.47 -7.36
CA ALA A 245 -15.95 29.79 -7.25
C ALA A 245 -15.73 28.41 -6.58
N GLY A 246 -14.80 27.66 -7.14
CA GLY A 246 -14.25 26.52 -6.41
C GLY A 246 -12.80 26.72 -6.10
N LYS A 247 -12.09 25.62 -5.94
CA LYS A 247 -10.72 25.69 -5.53
C LYS A 247 -9.88 25.73 -6.73
N ILE A 248 -8.88 26.63 -6.70
CA ILE A 248 -7.99 26.85 -7.84
C ILE A 248 -6.56 26.41 -7.54
N VAL A 249 -6.08 25.40 -8.27
CA VAL A 249 -4.71 25.00 -8.19
C VAL A 249 -3.93 25.67 -9.34
N ILE A 250 -3.00 26.54 -8.97
CA ILE A 250 -2.19 27.29 -9.92
C ILE A 250 -0.90 26.53 -10.10
N THR A 251 -0.56 26.25 -11.32
CA THR A 251 0.62 25.45 -11.59
C THR A 251 1.38 26.17 -12.67
N ASP A 252 2.56 25.65 -12.98
CA ASP A 252 3.33 26.16 -14.10
C ASP A 252 2.81 25.69 -15.47
N LYS A 253 1.73 24.91 -15.51
CA LYS A 253 1.07 24.56 -16.77
C LYS A 253 -0.38 24.96 -16.80
N GLY A 254 -0.75 26.03 -16.10
CA GLY A 254 -2.12 26.53 -16.08
C GLY A 254 -2.83 26.32 -14.76
N GLU A 255 -4.04 26.83 -14.71
CA GLU A 255 -4.85 26.82 -13.50
C GLU A 255 -5.85 25.68 -13.66
N VAL A 256 -6.03 24.90 -12.61
CA VAL A 256 -6.99 23.84 -12.62
C VAL A 256 -8.00 24.14 -11.53
N GLU A 257 -9.26 24.27 -11.87
CA GLU A 257 -10.25 24.60 -10.88
C GLU A 257 -11.08 23.38 -10.61
N ALA A 258 -11.43 23.12 -9.36
CA ALA A 258 -12.21 21.98 -9.02
C ALA A 258 -12.95 22.23 -7.77
N ASP A 259 -13.97 21.45 -7.51
CA ASP A 259 -14.71 21.55 -6.28
C ASP A 259 -13.90 21.19 -5.03
N GLU A 260 -12.96 20.21 -5.18
CA GLU A 260 -12.23 19.76 -4.10
C GLU A 260 -10.83 19.35 -4.60
N ILE A 261 -9.91 19.31 -3.66
CA ILE A 261 -8.54 18.90 -3.83
C ILE A 261 -8.28 17.65 -2.94
N LEU A 262 -7.67 16.62 -3.55
CA LEU A 262 -7.32 15.39 -2.82
C LEU A 262 -5.79 15.28 -2.85
N LEU A 263 -5.17 15.29 -1.70
CA LEU A 263 -3.73 15.01 -1.56
C LEU A 263 -3.48 13.48 -1.63
N ALA A 264 -2.64 13.09 -2.57
CA ALA A 264 -2.18 11.71 -2.74
C ALA A 264 -0.69 11.71 -3.03
N THR A 265 0.03 12.49 -2.21
CA THR A 265 1.49 12.81 -2.41
C THR A 265 2.32 12.02 -1.43
N GLY A 266 1.76 10.97 -0.85
CA GLY A 266 2.58 10.09 -0.06
C GLY A 266 2.22 10.12 1.43
N ARG A 267 3.03 9.40 2.24
CA ARG A 267 2.79 9.25 3.64
C ARG A 267 4.12 9.44 4.39
N LYS A 268 4.01 10.01 5.56
CA LYS A 268 5.13 10.33 6.49
C LYS A 268 5.05 9.36 7.67
N PRO A 269 6.17 8.66 7.98
CA PRO A 269 6.12 7.83 9.16
C PRO A 269 5.86 8.61 10.42
N ASN A 270 5.14 7.99 11.33
CA ASN A 270 4.76 8.60 12.64
C ASN A 270 5.90 8.40 13.63
N VAL A 271 6.85 9.34 13.64
CA VAL A 271 8.08 9.17 14.40
C VAL A 271 8.24 10.29 15.47
N ASP A 272 7.19 10.97 15.76
CA ASP A 272 7.20 12.01 16.83
C ASP A 272 6.93 11.33 18.19
N LEU A 273 7.94 10.62 18.66
CA LEU A 273 7.82 9.64 19.73
C LEU A 273 8.86 9.80 20.81
N GLY A 274 9.59 10.93 20.80
CA GLY A 274 10.71 11.00 21.74
C GLY A 274 11.86 10.05 21.52
N LEU A 275 12.10 9.66 20.26
CA LEU A 275 13.05 8.64 19.93
C LEU A 275 14.46 8.90 20.44
N GLU A 276 14.85 10.17 20.45
CA GLU A 276 16.16 10.55 20.94
C GLU A 276 16.33 10.16 22.44
N ASN A 277 15.25 10.05 23.22
CA ASN A 277 15.36 9.60 24.56
C ASN A 277 15.67 8.15 24.76
N ALA A 278 15.45 7.38 23.67
CA ALA A 278 15.58 5.95 23.73
C ALA A 278 16.80 5.48 22.89
N GLY A 279 17.52 6.38 22.25
CA GLY A 279 18.66 6.04 21.44
C GLY A 279 18.28 5.47 20.04
N VAL A 280 17.09 5.81 19.58
CA VAL A 280 16.59 5.33 18.26
C VAL A 280 16.78 6.46 17.28
N ARG A 281 17.25 6.13 16.09
CA ARG A 281 17.54 7.07 15.04
C ARG A 281 16.61 6.94 13.83
N LEU A 282 16.64 7.91 12.96
CA LEU A 282 15.84 7.92 11.75
C LEU A 282 16.69 7.57 10.55
N ASN A 283 16.09 6.95 9.55
CA ASN A 283 16.80 6.65 8.29
C ASN A 283 16.64 7.78 7.35
N GLU A 284 17.23 7.64 6.16
CA GLU A 284 17.19 8.74 5.22
C GLU A 284 15.81 9.04 4.67
N ARG A 285 14.86 8.11 4.82
CA ARG A 285 13.51 8.33 4.33
C ARG A 285 12.58 8.84 5.44
N GLY A 286 13.14 9.14 6.63
CA GLY A 286 12.34 9.72 7.70
C GLY A 286 11.61 8.66 8.53
N GLY A 287 11.86 7.39 8.26
CA GLY A 287 11.36 6.32 9.14
C GLY A 287 12.37 5.88 10.18
N ILE A 288 11.96 5.00 11.04
CA ILE A 288 12.86 4.42 12.05
C ILE A 288 13.92 3.62 11.37
N LYS A 289 15.16 3.91 11.73
CA LYS A 289 16.35 3.12 11.28
C LYS A 289 16.48 1.84 11.97
N VAL A 290 16.43 0.75 11.17
CA VAL A 290 16.54 -0.61 11.66
C VAL A 290 17.49 -1.45 10.79
N ASP A 291 18.01 -2.51 11.39
CA ASP A 291 18.77 -3.50 10.59
C ASP A 291 17.81 -4.48 9.91
N ASP A 292 18.29 -5.46 9.15
CA ASP A 292 17.36 -6.45 8.54
C ASP A 292 16.57 -7.29 9.47
N GLU A 293 16.91 -7.38 10.77
CA GLU A 293 16.20 -8.14 11.75
C GLU A 293 15.17 -7.21 12.56
N LEU A 294 15.07 -6.02 12.04
CA LEU A 294 14.06 -5.01 12.44
C LEU A 294 14.47 -4.36 13.76
N ARG A 295 15.71 -4.55 14.12
CA ARG A 295 16.26 -4.00 15.39
C ARG A 295 16.79 -2.62 15.21
N THR A 296 16.46 -1.68 16.12
CA THR A 296 16.94 -0.33 16.02
C THR A 296 18.40 -0.24 16.59
N ASP A 297 18.90 0.96 16.69
CA ASP A 297 20.21 1.23 17.43
C ASP A 297 20.17 0.92 18.92
N ASN A 298 18.98 0.90 19.54
CA ASN A 298 18.79 0.38 20.85
C ASN A 298 18.47 -1.03 20.73
N PRO A 299 19.34 -1.95 21.18
CA PRO A 299 19.10 -3.38 20.89
C PRO A 299 17.91 -4.01 21.57
N HIS A 300 17.23 -3.28 22.46
CA HIS A 300 16.02 -3.76 23.04
C HIS A 300 14.74 -3.22 22.36
N ILE A 301 14.92 -2.47 21.32
CA ILE A 301 13.78 -1.77 20.61
C ILE A 301 13.86 -2.22 19.14
N TYR A 302 12.70 -2.74 18.68
CA TYR A 302 12.52 -3.16 17.28
C TYR A 302 11.38 -2.27 16.74
N ALA A 303 11.23 -2.30 15.40
CA ALA A 303 10.16 -1.48 14.77
C ALA A 303 9.59 -2.26 13.55
N ALA A 304 8.37 -1.95 13.17
CA ALA A 304 7.67 -2.76 12.14
C ALA A 304 6.62 -1.89 11.50
N GLY A 305 6.38 -2.13 10.20
CA GLY A 305 5.29 -1.46 9.52
C GLY A 305 5.67 -0.17 8.86
N ASP A 306 4.65 0.69 8.62
CA ASP A 306 4.86 1.88 7.87
C ASP A 306 5.81 2.86 8.53
N VAL A 307 5.95 2.71 9.83
CA VAL A 307 6.88 3.65 10.61
C VAL A 307 8.34 3.46 10.13
N LEU A 308 8.62 2.33 9.44
CA LEU A 308 10.01 2.15 8.85
C LEU A 308 10.27 3.03 7.63
N GLY A 309 9.24 3.57 7.00
CA GLY A 309 9.47 4.44 5.87
C GLY A 309 9.82 3.71 4.58
N GLY A 310 9.57 2.41 4.58
CA GLY A 310 9.83 1.50 3.41
C GLY A 310 8.51 1.32 2.64
N LYS A 311 8.29 0.12 2.15
CA LYS A 311 7.03 -0.12 1.49
C LYS A 311 5.93 -0.06 2.53
N MET A 312 4.78 0.43 2.08
CA MET A 312 3.66 0.56 2.99
C MET A 312 2.56 -0.41 2.53
N LEU A 313 2.51 -1.54 3.16
CA LEU A 313 1.59 -2.61 2.78
C LEU A 313 1.10 -3.30 4.03
N GLU A 314 -0.16 -3.71 4.06
CA GLU A 314 -0.70 -4.39 5.20
C GLU A 314 -0.04 -5.71 5.47
N ALA A 315 0.17 -6.56 4.42
CA ALA A 315 0.68 -7.87 4.67
C ALA A 315 2.13 -7.82 5.16
N LEU A 316 2.89 -6.84 4.64
CA LEU A 316 4.30 -6.64 5.08
C LEU A 316 4.32 -6.09 6.55
N ALA A 317 3.39 -5.20 6.85
CA ALA A 317 3.35 -4.66 8.25
C ALA A 317 3.09 -5.82 9.24
N GLY A 318 2.14 -6.72 8.90
CA GLY A 318 1.83 -7.87 9.70
C GLY A 318 3.06 -8.75 9.88
N ARG A 319 3.65 -9.17 8.79
CA ARG A 319 4.85 -10.02 8.80
C ARG A 319 5.95 -9.40 9.64
N GLN A 320 6.27 -8.09 9.45
CA GLN A 320 7.28 -7.38 10.27
C GLN A 320 6.88 -7.37 11.73
N GLY A 321 5.60 -7.18 12.11
CA GLY A 321 5.22 -7.15 13.53
C GLY A 321 5.49 -8.54 14.13
N SER A 322 5.18 -9.65 13.38
CA SER A 322 5.53 -10.97 13.86
C SER A 322 6.97 -11.23 14.00
N ILE A 323 7.78 -10.87 13.03
CA ILE A 323 9.21 -11.19 13.03
C ILE A 323 9.91 -10.33 14.13
N ALA A 324 9.50 -9.09 14.25
CA ALA A 324 10.15 -8.17 15.23
C ALA A 324 9.93 -8.74 16.60
N THR A 325 8.74 -9.22 16.85
CA THR A 325 8.34 -9.76 18.14
C THR A 325 9.18 -11.03 18.44
N GLU A 326 9.20 -11.95 17.47
CA GLU A 326 9.96 -13.16 17.68
C GLU A 326 11.38 -12.84 17.90
N ASN A 327 12.00 -11.94 17.14
CA ASN A 327 13.44 -11.62 17.35
C ASN A 327 13.63 -10.99 18.76
N ALA A 328 12.66 -10.21 19.15
CA ALA A 328 12.80 -9.51 20.50
C ALA A 328 12.68 -10.47 21.59
N LEU A 329 11.76 -11.44 21.53
CA LEU A 329 11.47 -12.32 22.69
C LEU A 329 12.28 -13.63 22.68
N THR A 330 12.84 -14.02 21.53
CA THR A 330 13.51 -15.32 21.49
C THR A 330 14.93 -15.19 21.24
N GLY A 331 15.41 -14.04 20.83
CA GLY A 331 16.76 -13.89 20.48
C GLY A 331 17.10 -14.38 19.05
N SER A 332 16.08 -14.58 18.24
CA SER A 332 16.30 -15.06 16.82
C SER A 332 16.85 -13.90 15.97
N HIS A 333 17.21 -14.25 14.72
CA HIS A 333 17.83 -13.37 13.81
C HIS A 333 17.11 -13.48 12.42
N LYS A 334 15.76 -13.53 12.48
CA LYS A 334 14.85 -13.62 11.30
C LYS A 334 14.70 -12.31 10.60
N ARG A 335 14.47 -12.43 9.27
CA ARG A 335 14.38 -11.32 8.38
C ARG A 335 13.18 -11.45 7.48
N VAL A 336 12.71 -10.35 6.89
CA VAL A 336 11.66 -10.50 5.91
C VAL A 336 12.23 -9.85 4.69
N ASP A 337 12.52 -10.72 3.72
CA ASP A 337 13.02 -10.31 2.36
C ASP A 337 12.04 -9.46 1.56
N GLU A 338 12.30 -8.16 1.46
CA GLU A 338 11.40 -7.25 0.79
C GLU A 338 11.31 -7.49 -0.73
N ASN A 339 12.28 -8.23 -1.27
CA ASN A 339 12.29 -8.51 -2.78
C ASN A 339 11.47 -9.72 -3.19
N ALA A 340 10.65 -10.27 -2.26
CA ALA A 340 9.59 -11.21 -2.62
C ALA A 340 8.23 -10.71 -2.08
N VAL A 341 8.11 -9.43 -1.77
CA VAL A 341 6.86 -8.87 -1.26
C VAL A 341 6.09 -8.19 -2.41
N PRO A 342 4.85 -8.66 -2.67
CA PRO A 342 4.06 -8.01 -3.77
C PRO A 342 3.39 -6.72 -3.48
N GLN A 343 3.22 -5.88 -4.52
N GLN A 343 3.18 -5.92 -4.53
CA GLN A 343 2.40 -4.71 -4.44
CA GLN A 343 2.45 -4.68 -4.46
C GLN A 343 1.42 -4.65 -5.61
C GLN A 343 1.38 -4.78 -5.56
N VAL A 344 0.21 -4.22 -5.31
CA VAL A 344 -0.86 -4.18 -6.29
C VAL A 344 -1.55 -2.84 -6.18
N ILE A 345 -1.84 -2.31 -7.33
CA ILE A 345 -2.76 -1.16 -7.52
C ILE A 345 -4.05 -1.71 -7.99
N PHE A 346 -5.13 -1.52 -7.25
CA PHE A 346 -6.41 -2.20 -7.46
C PHE A 346 -7.37 -1.38 -8.35
N THR A 347 -6.84 -0.57 -9.28
CA THR A 347 -7.61 -0.17 -10.39
C THR A 347 -8.12 -1.41 -11.16
N GLN A 348 -9.01 -1.15 -12.08
CA GLN A 348 -9.42 -2.15 -13.08
C GLN A 348 -8.92 -1.62 -14.40
N PRO A 349 -8.08 -2.35 -15.13
CA PRO A 349 -7.39 -3.60 -14.69
C PRO A 349 -6.36 -3.29 -13.61
N ASN A 350 -5.97 -4.32 -12.90
CA ASN A 350 -4.97 -4.21 -11.83
C ASN A 350 -3.54 -4.01 -12.39
N LEU A 351 -2.70 -3.36 -11.57
CA LEU A 351 -1.24 -3.34 -11.85
C LEU A 351 -0.64 -4.08 -10.70
N ALA A 352 0.31 -4.99 -10.96
CA ALA A 352 0.88 -5.76 -9.85
C ALA A 352 2.38 -5.92 -10.07
N ARG A 353 3.12 -6.04 -9.00
CA ARG A 353 4.55 -6.25 -9.10
C ARG A 353 5.08 -7.02 -7.89
N VAL A 354 6.14 -7.78 -8.14
CA VAL A 354 6.89 -8.40 -7.03
C VAL A 354 8.35 -8.53 -7.47
N GLY A 355 9.29 -8.29 -6.58
CA GLY A 355 10.72 -8.52 -6.90
C GLY A 355 11.26 -7.25 -7.66
N LEU A 356 12.36 -7.53 -8.36
CA LEU A 356 13.14 -6.46 -8.96
C LEU A 356 12.57 -6.03 -10.31
N THR A 357 12.75 -4.76 -10.60
CA THR A 357 12.53 -4.32 -11.97
C THR A 357 13.72 -4.80 -12.82
N GLU A 358 13.56 -4.80 -14.16
CA GLU A 358 14.66 -5.13 -15.04
C GLU A 358 15.89 -4.20 -14.81
N ALA A 359 15.66 -2.93 -14.68
CA ALA A 359 16.76 -1.96 -14.44
C ALA A 359 17.43 -2.24 -13.12
N GLU A 360 16.65 -2.56 -12.06
CA GLU A 360 17.27 -2.93 -10.79
C GLU A 360 18.10 -4.15 -10.90
N ALA A 361 17.67 -5.19 -11.63
CA ALA A 361 18.42 -6.40 -11.77
C ALA A 361 19.72 -6.11 -12.57
N ARG A 362 19.59 -5.33 -13.62
CA ARG A 362 20.77 -5.04 -14.49
C ARG A 362 21.78 -4.21 -13.75
N ALA A 363 21.40 -3.52 -12.71
CA ALA A 363 22.34 -2.76 -11.88
C ALA A 363 23.16 -3.61 -10.93
N LYS A 364 22.82 -4.88 -10.77
CA LYS A 364 23.57 -5.80 -9.92
C LYS A 364 24.43 -6.71 -10.76
N GLU A 365 25.34 -7.46 -10.15
CA GLU A 365 26.21 -8.30 -10.98
C GLU A 365 25.46 -9.59 -11.26
N GLY A 366 25.54 -10.12 -12.47
CA GLY A 366 24.82 -11.33 -12.77
C GLY A 366 24.30 -11.28 -14.19
N GLU A 367 23.91 -12.42 -14.70
CA GLU A 367 23.42 -12.52 -16.06
CA GLU A 367 23.40 -12.49 -16.06
C GLU A 367 21.88 -12.24 -16.01
N VAL A 368 21.44 -11.14 -16.62
CA VAL A 368 19.99 -10.77 -16.52
C VAL A 368 19.30 -11.01 -17.84
N GLU A 369 18.11 -11.66 -17.84
CA GLU A 369 17.25 -11.71 -18.98
C GLU A 369 15.85 -11.15 -18.60
N ALA A 370 15.16 -10.66 -19.56
CA ALA A 370 13.79 -10.19 -19.32
C ALA A 370 12.94 -10.42 -20.54
N ARG A 371 11.63 -10.65 -20.39
CA ARG A 371 10.72 -10.79 -21.49
C ARG A 371 9.43 -10.11 -21.10
N VAL A 372 8.74 -9.62 -22.11
CA VAL A 372 7.41 -9.02 -21.94
C VAL A 372 6.44 -9.68 -22.90
N LEU A 373 5.36 -10.23 -22.37
CA LEU A 373 4.26 -10.85 -23.08
C LEU A 373 3.07 -9.87 -23.10
N PRO A 374 2.48 -9.51 -24.25
CA PRO A 374 1.27 -8.71 -24.25
C PRO A 374 0.07 -9.46 -23.73
N MET A 375 -0.81 -8.79 -22.97
CA MET A 375 -2.00 -9.45 -22.54
C MET A 375 -2.96 -9.82 -23.68
N SER A 376 -2.85 -9.15 -24.80
CA SER A 376 -3.67 -9.40 -25.95
C SER A 376 -3.39 -10.81 -26.48
N SER A 377 -2.25 -11.44 -26.16
CA SER A 377 -1.82 -12.83 -26.52
C SER A 377 -2.38 -13.89 -25.55
N VAL A 378 -3.06 -13.50 -24.49
CA VAL A 378 -3.51 -14.46 -23.48
C VAL A 378 -4.94 -14.84 -23.77
N ALA A 379 -5.27 -16.13 -24.00
CA ALA A 379 -6.60 -16.47 -24.42
C ALA A 379 -7.66 -15.93 -23.50
N LYS A 380 -7.48 -16.09 -22.18
CA LYS A 380 -8.55 -15.69 -21.31
C LYS A 380 -8.82 -14.17 -21.42
N ALA A 381 -7.76 -13.39 -21.60
CA ALA A 381 -7.90 -11.92 -21.72
C ALA A 381 -8.72 -11.56 -22.98
N GLU A 382 -8.59 -12.34 -24.06
CA GLU A 382 -9.44 -12.19 -25.22
C GLU A 382 -10.88 -12.58 -24.94
N ILE A 383 -11.08 -13.66 -24.23
CA ILE A 383 -12.40 -14.19 -23.90
C ILE A 383 -13.24 -13.22 -23.05
N ILE A 384 -12.57 -12.50 -22.15
CA ILE A 384 -13.27 -11.59 -21.23
C ILE A 384 -13.12 -10.13 -21.60
N ASN A 385 -12.69 -9.87 -22.81
CA ASN A 385 -12.60 -8.49 -23.33
CA ASN A 385 -12.55 -8.53 -23.35
C ASN A 385 -11.72 -7.61 -22.46
N SER A 386 -10.54 -8.13 -22.08
CA SER A 386 -9.61 -7.34 -21.23
C SER A 386 -8.22 -7.46 -21.75
N ARG A 387 -8.04 -6.98 -22.98
CA ARG A 387 -6.79 -7.22 -23.68
C ARG A 387 -5.69 -6.20 -23.34
N LEU A 388 -5.96 -5.08 -22.68
CA LEU A 388 -4.95 -4.13 -22.31
C LEU A 388 -4.02 -4.74 -21.25
N GLY A 389 -2.74 -4.60 -21.45
CA GLY A 389 -1.78 -4.99 -20.43
C GLY A 389 -0.66 -5.84 -20.90
N PHE A 390 0.06 -6.37 -19.95
CA PHE A 390 1.24 -7.15 -20.19
C PHE A 390 1.68 -7.92 -18.99
N VAL A 391 2.59 -8.86 -19.22
CA VAL A 391 3.30 -9.56 -18.12
C VAL A 391 4.80 -9.47 -18.44
N LYS A 392 5.57 -8.98 -17.49
CA LYS A 392 7.05 -8.87 -17.67
C LYS A 392 7.72 -9.72 -16.61
N MET A 393 8.69 -10.49 -17.03
CA MET A 393 9.43 -11.41 -16.15
C MET A 393 10.90 -11.13 -16.25
N VAL A 394 11.57 -11.07 -15.12
CA VAL A 394 12.99 -10.78 -15.05
C VAL A 394 13.74 -11.89 -14.36
N THR A 395 14.83 -12.39 -14.99
CA THR A 395 15.58 -13.50 -14.34
C THR A 395 17.00 -13.02 -14.10
N MET A 396 17.66 -13.55 -13.05
CA MET A 396 19.06 -13.19 -12.73
C MET A 396 19.71 -14.56 -12.48
N ASN A 397 20.72 -14.88 -13.28
CA ASN A 397 21.37 -16.18 -13.23
CA ASN A 397 21.41 -16.20 -13.26
C ASN A 397 20.44 -17.36 -13.35
N GLY A 398 19.41 -17.18 -14.16
CA GLY A 398 18.46 -18.15 -14.51
C GLY A 398 17.32 -18.32 -13.48
N ARG A 399 17.34 -17.53 -12.44
CA ARG A 399 16.21 -17.59 -11.41
C ARG A 399 15.31 -16.39 -11.62
N ILE A 400 14.02 -16.64 -11.48
CA ILE A 400 13.03 -15.52 -11.56
C ILE A 400 13.19 -14.64 -10.35
N VAL A 401 13.46 -13.39 -10.58
CA VAL A 401 13.58 -12.39 -9.61
C VAL A 401 12.62 -11.20 -9.62
N GLY A 402 11.80 -11.08 -10.66
CA GLY A 402 10.83 -9.99 -10.71
C GLY A 402 9.77 -10.40 -11.67
N VAL A 403 8.52 -10.01 -11.33
CA VAL A 403 7.37 -10.15 -12.21
C VAL A 403 6.53 -8.90 -12.04
N HIS A 404 6.09 -8.31 -13.17
CA HIS A 404 5.33 -7.10 -13.21
C HIS A 404 4.25 -7.33 -14.20
N ALA A 405 3.00 -6.89 -13.88
CA ALA A 405 1.92 -7.24 -14.79
C ALA A 405 0.79 -6.19 -14.68
N VAL A 406 0.06 -6.01 -15.78
CA VAL A 406 -1.14 -5.19 -15.84
C VAL A 406 -2.16 -6.10 -16.55
N GLY A 407 -3.36 -6.23 -15.96
CA GLY A 407 -4.40 -7.01 -16.60
C GLY A 407 -5.51 -7.33 -15.59
N GLU A 408 -6.53 -7.96 -16.08
CA GLU A 408 -7.73 -8.22 -15.27
C GLU A 408 -7.39 -9.18 -14.12
N ASN A 409 -7.59 -8.74 -12.89
CA ASN A 409 -7.41 -9.54 -11.71
C ASN A 409 -6.01 -10.11 -11.59
N VAL A 410 -4.98 -9.39 -12.14
CA VAL A 410 -3.60 -9.90 -11.95
C VAL A 410 -3.20 -9.90 -10.47
N ALA A 411 -3.90 -9.16 -9.62
CA ALA A 411 -3.62 -9.29 -8.21
C ALA A 411 -3.70 -10.73 -7.68
N GLU A 412 -4.48 -11.58 -8.34
CA GLU A 412 -4.75 -12.96 -7.90
C GLU A 412 -3.64 -13.89 -8.29
N MET A 413 -2.85 -13.54 -9.30
CA MET A 413 -1.72 -14.36 -9.75
C MET A 413 -0.37 -13.91 -9.19
N ILE A 414 -0.30 -12.76 -8.55
CA ILE A 414 1.00 -12.21 -8.13
C ILE A 414 1.52 -13.02 -6.98
N GLY A 415 0.67 -13.76 -6.22
CA GLY A 415 1.19 -14.59 -5.19
C GLY A 415 1.89 -15.83 -5.76
N GLU A 416 1.43 -16.34 -6.89
CA GLU A 416 2.23 -17.38 -7.58
C GLU A 416 3.60 -16.90 -7.92
N ALA A 417 3.70 -15.67 -8.41
CA ALA A 417 5.01 -15.09 -8.72
C ALA A 417 5.87 -14.90 -7.48
N ALA A 418 5.25 -14.41 -6.39
CA ALA A 418 6.00 -14.32 -5.15
C ALA A 418 6.57 -15.64 -4.66
N LEU A 419 5.77 -16.70 -4.76
CA LEU A 419 6.21 -18.00 -4.30
C LEU A 419 7.31 -18.48 -5.20
N ALA A 420 7.16 -18.29 -6.52
CA ALA A 420 8.22 -18.69 -7.48
C ALA A 420 9.51 -18.00 -7.11
N ILE A 421 9.50 -16.73 -6.80
CA ILE A 421 10.69 -15.96 -6.44
C ILE A 421 11.30 -16.48 -5.15
N ARG A 422 10.47 -16.72 -4.13
CA ARG A 422 11.01 -17.33 -2.87
C ARG A 422 11.68 -18.65 -3.10
N PHE A 423 11.20 -19.49 -3.97
CA PHE A 423 11.75 -20.80 -4.24
C PHE A 423 12.95 -20.74 -5.20
N GLY A 424 13.25 -19.57 -5.75
CA GLY A 424 14.30 -19.48 -6.79
C GLY A 424 13.94 -20.25 -8.04
N ALA A 425 12.66 -20.27 -8.44
CA ALA A 425 12.21 -21.01 -9.55
C ALA A 425 12.90 -20.50 -10.86
N THR A 426 13.15 -21.44 -11.75
CA THR A 426 13.67 -21.04 -13.03
C THR A 426 12.48 -20.93 -13.98
N VAL A 427 12.73 -20.42 -15.20
CA VAL A 427 11.71 -20.51 -16.22
C VAL A 427 11.31 -21.97 -16.55
N HIS A 428 12.24 -22.93 -16.52
CA HIS A 428 11.81 -24.32 -16.79
C HIS A 428 10.93 -24.83 -15.76
N ASP A 429 11.08 -24.38 -14.53
CA ASP A 429 10.17 -24.79 -13.42
C ASP A 429 8.75 -24.34 -13.73
N LEU A 430 8.60 -23.16 -14.23
CA LEU A 430 7.28 -22.70 -14.62
C LEU A 430 6.75 -23.44 -15.83
N ILE A 431 7.59 -23.62 -16.85
CA ILE A 431 7.19 -24.39 -17.99
C ILE A 431 6.68 -25.79 -17.66
N ASP A 432 7.34 -26.40 -16.66
CA ASP A 432 7.00 -27.76 -16.22
C ASP A 432 5.73 -27.86 -15.36
N THR A 433 5.19 -26.75 -14.95
CA THR A 433 3.98 -26.68 -14.09
C THR A 433 2.78 -26.45 -14.99
N VAL A 434 1.93 -27.49 -15.07
CA VAL A 434 0.68 -27.39 -15.85
C VAL A 434 -0.24 -26.37 -15.16
N HIS A 435 -0.59 -25.31 -15.90
CA HIS A 435 -1.57 -24.30 -15.42
C HIS A 435 -3.00 -24.72 -15.85
N MET A 436 -3.98 -23.90 -15.56
CA MET A 436 -5.35 -24.14 -16.01
C MET A 436 -5.62 -23.26 -17.21
N PHE A 437 -6.13 -23.88 -18.26
CA PHE A 437 -6.58 -23.09 -19.43
C PHE A 437 -8.09 -22.93 -19.40
N PRO A 438 -8.68 -21.76 -19.69
CA PRO A 438 -8.00 -20.47 -19.99
C PRO A 438 -8.12 -19.64 -18.71
N THR A 439 -7.00 -19.20 -18.19
CA THR A 439 -6.91 -18.28 -17.04
C THR A 439 -5.99 -17.16 -17.37
N ILE A 440 -6.14 -16.07 -16.65
CA ILE A 440 -5.09 -14.97 -16.74
C ILE A 440 -3.74 -15.46 -16.20
N ALA A 441 -3.77 -16.26 -15.17
CA ALA A 441 -2.55 -16.75 -14.52
C ALA A 441 -1.64 -17.55 -15.43
N GLU A 442 -2.21 -18.22 -16.42
CA GLU A 442 -1.27 -18.94 -17.27
CA GLU A 442 -1.49 -18.90 -17.57
C GLU A 442 -0.38 -18.03 -18.08
N SER A 443 -0.63 -16.71 -18.05
CA SER A 443 0.33 -15.72 -18.58
C SER A 443 1.71 -15.81 -17.91
N LEU A 444 1.81 -16.30 -16.68
CA LEU A 444 3.12 -16.52 -16.02
C LEU A 444 3.92 -17.60 -16.75
N ARG A 445 3.24 -18.65 -17.20
CA ARG A 445 3.94 -19.69 -17.92
C ARG A 445 4.19 -19.23 -19.37
N LEU A 446 3.29 -18.45 -19.96
CA LEU A 446 3.52 -17.99 -21.32
C LEU A 446 4.65 -17.08 -21.41
N VAL A 447 4.82 -16.18 -20.45
CA VAL A 447 6.01 -15.35 -20.51
C VAL A 447 7.29 -16.14 -20.25
N ALA A 448 7.24 -17.15 -19.40
CA ALA A 448 8.39 -18.07 -19.21
C ALA A 448 8.79 -18.72 -20.57
N LEU A 449 7.82 -19.14 -21.34
CA LEU A 449 8.04 -19.77 -22.66
C LEU A 449 8.77 -18.79 -23.62
N ALA A 450 8.57 -17.49 -23.38
CA ALA A 450 9.17 -16.44 -24.22
C ALA A 450 10.65 -16.36 -24.09
N PHE A 451 11.28 -17.02 -23.10
CA PHE A 451 12.68 -16.91 -22.82
C PHE A 451 13.45 -17.65 -23.90
N ARG A 452 12.85 -18.68 -24.41
CA ARG A 452 13.57 -19.32 -25.54
C ARG A 452 12.75 -19.34 -26.81
N SER A 453 11.44 -19.53 -26.63
CA SER A 453 10.42 -19.63 -27.70
C SER A 453 9.83 -18.25 -28.10
N ASP A 454 9.21 -18.24 -29.26
CA ASP A 454 8.46 -17.10 -29.75
C ASP A 454 7.00 -17.27 -29.35
#